data_4L3Q
#
_entry.id   4L3Q
#
_cell.length_a   79.512
_cell.length_b   79.512
_cell.length_c   321.131
_cell.angle_alpha   90.00
_cell.angle_beta   90.00
_cell.angle_gamma   120.00
#
_symmetry.space_group_name_H-M   'P 65 2 2'
#
loop_
_entity.id
_entity.type
_entity.pdbx_description
1 polymer Glucokinase
2 non-polymer alpha-D-glucopyranose
3 non-polymer 6-{3-[(1-methyl-1H-imidazol-2-yl)sulfanyl]phenyl}pyridin-2(1H)-one
4 water water
#
_entity_poly.entity_id   1
_entity_poly.type   'polypeptide(L)'
_entity_poly.pdbx_seq_one_letter_code
;GPMALTLVEQILAEFQLQEEDLKKVMRRMQKEMDRGLRLETHEEASVKMLPTYVRSTPEGSEVGDFLSLDLGGTNFRVML
VKVGEGEEGQWSVKTKHQMYSIPEDAMTGTAEMLFDYISECISDFLDKHQMKHKKLPLGFTFSFPVRHEDIDKGILLNWT
KGFKASGAEGNNVVGLLRDAIKRRGDFEMDVVAMVNDTVATMISCYYEDHQCEVGMIVGTGCNACYMEEMQNVELVEGDE
GRMCVNTEWGAFGDSGELDEFLLEYDRLVDESSANPGQQLYEKLIGGKYMGELVRLVLLRLVDENLLFHGEASEQLRTRG
AFETRFVSQVESDTGDRKQIYNILSTLGLRPSTTDCDIVRRACESVSTRAAHMCSAGLAGVINRMRESRSEDVMRITVGV
DGSVYKLHPSFKERFHASVRRLTPSCEITFIESEEGSGRGAALVSAVACKKACMLGQ
;
_entity_poly.pdbx_strand_id   A
#
loop_
_chem_comp.id
_chem_comp.type
_chem_comp.name
_chem_comp.formula
926 non-polymer 6-{3-[(1-methyl-1H-imidazol-2-yl)sulfanyl]phenyl}pyridin-2(1H)-one 'C15 H13 N3 O S'
GLC D-saccharide, alpha linking alpha-D-glucopyranose 'C6 H12 O6'
#
# COMPACT_ATOMS: atom_id res chain seq x y z
N THR A 6 19.78 15.77 -26.40
CA THR A 6 20.20 15.07 -25.15
C THR A 6 20.35 16.06 -23.97
N LEU A 7 19.85 17.28 -24.17
CA LEU A 7 19.74 18.25 -23.08
C LEU A 7 18.63 17.78 -22.14
N VAL A 8 17.65 17.06 -22.70
CA VAL A 8 16.57 16.43 -21.94
C VAL A 8 17.10 15.20 -21.23
N GLU A 9 17.80 14.36 -21.97
CA GLU A 9 18.27 13.08 -21.48
C GLU A 9 19.32 13.20 -20.37
N GLN A 10 19.76 14.42 -20.12
CA GLN A 10 20.58 14.73 -18.96
C GLN A 10 19.71 15.06 -17.76
N ILE A 11 18.59 15.77 -17.99
CA ILE A 11 17.62 16.05 -16.94
C ILE A 11 16.98 14.75 -16.37
N LEU A 12 16.58 13.84 -17.26
CA LEU A 12 15.94 12.59 -16.88
C LEU A 12 16.92 11.55 -16.34
N ALA A 13 18.20 11.71 -16.64
CA ALA A 13 19.21 10.77 -16.18
C ALA A 13 19.29 10.90 -14.67
N GLU A 14 18.95 12.09 -14.19
CA GLU A 14 18.85 12.40 -12.78
C GLU A 14 17.86 11.48 -12.01
N PHE A 15 17.24 10.51 -12.70
CA PHE A 15 16.34 9.52 -12.09
C PHE A 15 16.97 8.14 -11.98
N GLN A 16 18.04 7.96 -12.75
CA GLN A 16 18.72 6.68 -12.84
C GLN A 16 19.19 6.28 -11.46
N LEU A 17 19.25 4.98 -11.26
CA LEU A 17 19.87 4.42 -10.09
C LEU A 17 20.70 3.25 -10.52
N GLN A 18 21.98 3.30 -10.14
CA GLN A 18 22.92 2.23 -10.37
C GLN A 18 22.58 1.09 -9.42
N GLU A 19 22.98 -0.13 -9.79
CA GLU A 19 22.79 -1.29 -8.91
C GLU A 19 23.40 -1.01 -7.54
N GLU A 20 24.44 -0.18 -7.53
CA GLU A 20 25.17 0.08 -6.30
C GLU A 20 24.29 0.91 -5.42
N ASP A 21 23.47 1.74 -6.05
CA ASP A 21 22.58 2.62 -5.32
C ASP A 21 21.48 1.79 -4.65
N LEU A 22 20.97 0.78 -5.35
CA LEU A 22 19.95 -0.11 -4.85
C LEU A 22 20.45 -0.91 -3.67
N LYS A 23 21.63 -1.50 -3.80
CA LYS A 23 22.23 -2.26 -2.71
C LYS A 23 22.34 -1.38 -1.47
N LYS A 24 22.62 -0.10 -1.67
CA LYS A 24 22.84 0.77 -0.55
C LYS A 24 21.51 0.97 0.15
N VAL A 25 20.46 1.20 -0.65
CA VAL A 25 19.09 1.40 -0.19
C VAL A 25 18.57 0.12 0.45
N MET A 26 18.88 -1.02 -0.16
CA MET A 26 18.44 -2.28 0.39
C MET A 26 19.05 -2.50 1.78
N ARG A 27 20.29 -2.08 1.95
CA ARG A 27 21.00 -2.40 3.16
C ARG A 27 20.55 -1.47 4.26
N ARG A 28 20.18 -0.26 3.85
CA ARG A 28 19.63 0.73 4.78
C ARG A 28 18.22 0.31 5.25
N MET A 29 17.43 -0.27 4.35
CA MET A 29 16.13 -0.78 4.73
C MET A 29 16.22 -1.86 5.78
N GLN A 30 17.02 -2.86 5.47
CA GLN A 30 17.37 -3.93 6.42
C GLN A 30 17.82 -3.33 7.74
N LYS A 31 18.51 -2.19 7.67
CA LYS A 31 19.06 -1.55 8.83
C LYS A 31 17.94 -0.91 9.65
N GLU A 32 17.14 -0.03 9.05
CA GLU A 32 15.98 0.56 9.74
C GLU A 32 14.92 -0.48 10.17
N MET A 33 14.84 -1.61 9.48
CA MET A 33 13.94 -2.69 9.88
C MET A 33 14.39 -3.31 11.20
N ASP A 34 15.71 -3.39 11.39
CA ASP A 34 16.26 -4.01 12.60
C ASP A 34 16.04 -3.08 13.79
N ARG A 35 16.21 -1.78 13.53
CA ARG A 35 16.03 -0.75 14.54
C ARG A 35 14.58 -0.66 15.04
N GLY A 36 13.61 -0.73 14.11
CA GLY A 36 12.20 -0.74 14.45
C GLY A 36 11.77 -1.88 15.35
N LEU A 37 12.36 -3.05 15.16
CA LEU A 37 12.03 -4.21 15.98
C LEU A 37 12.66 -4.21 17.39
N ARG A 38 13.61 -3.31 17.67
CA ARG A 38 14.27 -3.36 18.99
C ARG A 38 13.63 -2.39 19.99
N LEU A 39 13.57 -2.84 21.24
CA LEU A 39 13.03 -2.01 22.29
C LEU A 39 13.69 -0.65 22.34
N GLU A 40 15.02 -0.64 22.34
CA GLU A 40 15.79 0.60 22.50
C GLU A 40 15.55 1.62 21.41
N THR A 41 15.21 1.16 20.20
CA THR A 41 15.10 2.07 19.07
C THR A 41 13.76 2.09 18.36
N HIS A 42 12.78 1.32 18.83
CA HIS A 42 11.46 1.29 18.19
C HIS A 42 10.78 2.65 18.16
N GLU A 43 11.05 3.48 19.17
CA GLU A 43 10.34 4.74 19.33
C GLU A 43 10.67 5.81 18.28
N GLU A 44 11.91 5.84 17.80
CA GLU A 44 12.34 6.85 16.83
C GLU A 44 12.70 6.22 15.48
N ALA A 45 12.48 4.92 15.40
CA ALA A 45 12.65 4.17 14.17
C ALA A 45 11.79 4.80 13.10
N SER A 46 12.35 4.97 11.91
CA SER A 46 11.57 5.47 10.76
C SER A 46 10.65 4.37 10.20
N VAL A 47 11.11 3.13 10.29
CA VAL A 47 10.35 1.98 9.84
C VAL A 47 9.80 1.24 11.06
N LYS A 48 8.59 1.60 11.47
CA LYS A 48 8.03 1.19 12.76
C LYS A 48 7.99 -0.32 13.03
N MET A 49 7.95 -1.13 11.99
CA MET A 49 7.91 -2.59 12.22
C MET A 49 6.84 -2.93 13.28
N LEU A 50 5.65 -2.39 13.12
CA LEU A 50 4.51 -2.65 14.02
C LEU A 50 4.04 -4.11 14.04
N PRO A 51 4.02 -4.77 15.21
CA PRO A 51 3.48 -6.13 15.26
C PRO A 51 1.95 -6.09 15.00
N THR A 52 1.42 -7.15 14.41
CA THR A 52 0.03 -7.17 13.95
C THR A 52 -0.82 -8.16 14.71
N TYR A 53 -0.19 -8.99 15.54
CA TYR A 53 -0.94 -9.98 16.30
C TYR A 53 -1.63 -11.02 15.46
N VAL A 54 -1.37 -11.03 14.16
CA VAL A 54 -1.73 -12.20 13.36
C VAL A 54 -0.60 -13.21 13.56
N ARG A 55 -0.89 -14.37 14.12
CA ARG A 55 0.18 -15.26 14.57
C ARG A 55 0.30 -16.49 13.73
N SER A 56 1.50 -17.08 13.79
CA SER A 56 1.78 -18.36 13.16
C SER A 56 0.66 -19.34 13.46
N THR A 57 0.14 -19.92 12.39
CA THR A 57 -0.97 -20.86 12.41
C THR A 57 -1.22 -21.41 13.82
N PRO A 58 -2.23 -20.83 14.48
CA PRO A 58 -2.74 -21.33 15.76
C PRO A 58 -3.83 -22.37 15.53
N GLU A 59 -4.34 -22.44 14.29
CA GLU A 59 -5.27 -23.48 13.83
C GLU A 59 -6.55 -23.57 14.68
N GLY A 60 -7.59 -22.89 14.23
CA GLY A 60 -8.86 -22.85 14.92
C GLY A 60 -9.76 -21.97 14.08
N SER A 61 -10.26 -22.52 12.98
CA SER A 61 -11.05 -21.73 12.02
C SER A 61 -12.52 -22.11 11.98
N GLU A 62 -13.40 -21.11 12.06
CA GLU A 62 -14.84 -21.34 11.93
C GLU A 62 -15.37 -20.90 10.58
N VAL A 63 -16.02 -21.81 9.87
CA VAL A 63 -16.72 -21.52 8.61
C VAL A 63 -17.95 -20.61 8.80
N GLY A 64 -18.53 -20.13 7.69
CA GLY A 64 -19.66 -19.21 7.74
C GLY A 64 -19.40 -17.90 7.03
N ASP A 65 -20.33 -16.97 7.14
CA ASP A 65 -20.29 -15.77 6.32
C ASP A 65 -19.81 -14.59 7.14
N PHE A 66 -18.83 -13.86 6.61
CA PHE A 66 -18.25 -12.70 7.32
C PHE A 66 -18.40 -11.45 6.50
N LEU A 67 -18.68 -10.34 7.18
CA LEU A 67 -18.64 -9.01 6.58
C LEU A 67 -17.22 -8.47 6.63
N SER A 68 -16.80 -7.81 5.55
CA SER A 68 -15.45 -7.22 5.45
C SER A 68 -15.53 -5.77 5.02
N LEU A 69 -14.90 -4.90 5.79
CA LEU A 69 -14.76 -3.50 5.42
C LEU A 69 -13.40 -3.28 4.78
N ASP A 70 -13.22 -2.13 4.17
CA ASP A 70 -11.96 -1.78 3.59
C ASP A 70 -11.89 -0.29 3.40
N LEU A 71 -11.30 0.42 4.37
CA LEU A 71 -11.05 1.85 4.27
C LEU A 71 -9.56 2.04 4.08
N GLY A 72 -9.19 2.97 3.21
CA GLY A 72 -7.80 3.16 2.83
C GLY A 72 -7.64 3.80 1.47
N GLY A 73 -8.57 3.55 0.57
CA GLY A 73 -8.58 4.22 -0.72
C GLY A 73 -9.50 5.43 -0.69
N THR A 74 -9.76 5.98 -1.88
CA THR A 74 -10.78 7.02 -2.05
C THR A 74 -12.16 6.37 -2.06
N ASN A 75 -12.21 5.13 -2.58
CA ASN A 75 -13.41 4.34 -2.60
C ASN A 75 -13.43 3.33 -1.45
N PHE A 76 -14.09 3.72 -0.36
CA PHE A 76 -14.39 2.82 0.75
C PHE A 76 -15.29 1.65 0.28
N ARG A 77 -14.94 0.43 0.66
CA ARG A 77 -15.69 -0.76 0.21
C ARG A 77 -16.37 -1.51 1.37
N VAL A 78 -17.47 -2.20 1.07
CA VAL A 78 -18.11 -3.16 1.99
C VAL A 78 -18.49 -4.40 1.22
N MET A 79 -18.19 -5.58 1.76
CA MET A 79 -18.58 -6.84 1.13
C MET A 79 -18.85 -7.96 2.13
N LEU A 80 -19.58 -8.99 1.67
CA LEU A 80 -19.78 -10.19 2.45
C LEU A 80 -18.94 -11.30 1.85
N VAL A 81 -18.36 -12.16 2.67
CA VAL A 81 -17.56 -13.29 2.17
C VAL A 81 -17.84 -14.62 2.90
N LYS A 82 -17.89 -15.73 2.14
CA LYS A 82 -18.13 -17.06 2.70
C LYS A 82 -16.85 -17.89 2.90
N VAL A 83 -16.41 -17.95 4.15
CA VAL A 83 -15.30 -18.82 4.54
C VAL A 83 -15.79 -20.25 4.75
N GLY A 84 -15.00 -21.21 4.29
CA GLY A 84 -15.34 -22.61 4.41
C GLY A 84 -14.10 -23.37 4.82
N GLU A 85 -14.00 -24.61 4.36
CA GLU A 85 -12.90 -25.47 4.78
C GLU A 85 -12.35 -26.35 3.64
N GLY A 86 -11.17 -26.01 3.16
CA GLY A 86 -10.51 -26.77 2.11
C GLY A 86 -9.68 -27.93 2.63
N GLU A 87 -8.95 -28.59 1.73
CA GLU A 87 -7.97 -29.61 2.12
C GLU A 87 -6.74 -28.89 2.60
N GLU A 88 -6.62 -27.67 2.09
CA GLU A 88 -5.53 -26.75 2.34
C GLU A 88 -5.62 -26.27 3.78
N GLY A 89 -6.78 -25.71 4.08
CA GLY A 89 -7.03 -24.82 5.19
C GLY A 89 -8.42 -24.31 4.83
N GLN A 90 -8.58 -23.01 4.68
CA GLN A 90 -9.90 -22.48 4.35
C GLN A 90 -10.03 -22.05 2.89
N TRP A 91 -11.25 -22.13 2.36
CA TRP A 91 -11.58 -21.39 1.15
C TRP A 91 -12.33 -20.11 1.49
N SER A 92 -12.45 -19.19 0.55
CA SER A 92 -13.07 -17.89 0.78
C SER A 92 -13.62 -17.42 -0.56
N VAL A 93 -14.50 -16.41 -0.54
CA VAL A 93 -15.09 -15.85 -1.78
C VAL A 93 -16.04 -14.68 -1.53
N LYS A 94 -15.75 -13.51 -2.11
CA LYS A 94 -16.72 -12.39 -2.08
C LYS A 94 -18.02 -12.90 -2.67
N THR A 95 -19.14 -12.48 -2.09
CA THR A 95 -20.45 -12.98 -2.54
C THR A 95 -21.30 -11.82 -2.91
N LYS A 96 -21.15 -10.73 -2.17
CA LYS A 96 -21.85 -9.50 -2.53
C LYS A 96 -21.04 -8.35 -1.98
N HIS A 97 -21.15 -7.18 -2.61
CA HIS A 97 -20.18 -6.10 -2.41
C HIS A 97 -20.66 -4.74 -2.89
N GLN A 98 -20.29 -3.70 -2.15
CA GLN A 98 -20.62 -2.31 -2.48
C GLN A 98 -19.44 -1.36 -2.23
N MET A 99 -19.37 -0.30 -3.03
CA MET A 99 -18.37 0.75 -2.87
C MET A 99 -19.06 2.09 -2.67
N TYR A 100 -18.45 2.97 -1.88
CA TYR A 100 -19.02 4.28 -1.55
C TYR A 100 -17.91 5.32 -1.51
N SER A 101 -18.10 6.43 -2.20
CA SER A 101 -17.18 7.54 -2.08
C SER A 101 -17.18 8.11 -0.66
N ILE A 102 -16.02 8.59 -0.24
CA ILE A 102 -15.94 9.47 0.93
C ILE A 102 -16.30 10.85 0.38
N PRO A 103 -17.18 11.59 1.10
CA PRO A 103 -17.63 12.92 0.66
C PRO A 103 -16.52 13.97 0.57
N GLU A 104 -16.12 14.49 1.73
CA GLU A 104 -15.06 15.50 1.88
C GLU A 104 -15.34 16.19 3.20
N ASP A 105 -16.63 16.30 3.52
CA ASP A 105 -17.05 16.76 4.83
C ASP A 105 -16.91 15.59 5.81
N ALA A 106 -16.66 14.40 5.26
CA ALA A 106 -16.33 13.23 6.07
C ALA A 106 -14.84 13.18 6.35
N MET A 107 -14.05 13.84 5.50
CA MET A 107 -12.65 14.11 5.79
C MET A 107 -12.51 15.29 6.75
N THR A 108 -12.40 16.52 6.22
CA THR A 108 -12.10 17.75 6.99
C THR A 108 -12.57 17.81 8.45
N GLY A 109 -13.76 17.28 8.72
CA GLY A 109 -14.32 17.32 10.07
C GLY A 109 -13.70 16.34 11.05
N THR A 110 -14.51 15.84 11.98
CA THR A 110 -14.04 14.87 12.96
C THR A 110 -14.05 13.45 12.41
N ALA A 111 -13.40 12.55 13.13
CA ALA A 111 -13.33 11.13 12.78
C ALA A 111 -14.68 10.43 12.96
N GLU A 112 -15.41 10.83 14.00
CA GLU A 112 -16.74 10.30 14.29
C GLU A 112 -17.70 10.46 13.10
N MET A 113 -17.73 11.67 12.53
CA MET A 113 -18.45 11.91 11.27
C MET A 113 -18.17 10.81 10.27
N LEU A 114 -16.88 10.64 9.97
CA LEU A 114 -16.37 9.66 9.02
C LEU A 114 -16.80 8.25 9.38
N PHE A 115 -16.71 7.89 10.65
CA PHE A 115 -17.10 6.56 11.06
C PHE A 115 -18.62 6.37 11.09
N ASP A 116 -19.34 7.48 11.26
CA ASP A 116 -20.79 7.49 11.11
C ASP A 116 -21.15 7.31 9.65
N TYR A 117 -20.49 8.07 8.78
CA TYR A 117 -20.63 7.86 7.34
C TYR A 117 -20.37 6.40 6.97
N ILE A 118 -19.24 5.85 7.44
CA ILE A 118 -18.94 4.43 7.25
C ILE A 118 -20.10 3.59 7.80
N SER A 119 -20.51 3.88 9.03
CA SER A 119 -21.62 3.17 9.68
C SER A 119 -22.90 3.23 8.85
N GLU A 120 -23.20 4.41 8.31
CA GLU A 120 -24.29 4.60 7.36
C GLU A 120 -24.14 3.58 6.23
N CYS A 121 -23.04 3.67 5.49
CA CYS A 121 -22.77 2.75 4.40
C CYS A 121 -22.89 1.29 4.85
N ILE A 122 -22.27 0.93 5.99
CA ILE A 122 -22.38 -0.45 6.49
C ILE A 122 -23.84 -0.90 6.57
N SER A 123 -24.68 0.00 7.09
CA SER A 123 -26.11 -0.26 7.20
C SER A 123 -26.77 -0.25 5.82
N ASP A 124 -26.57 0.86 5.09
CA ASP A 124 -26.97 0.99 3.68
C ASP A 124 -26.75 -0.32 2.90
N PHE A 125 -25.58 -0.92 3.10
CA PHE A 125 -25.22 -2.20 2.49
C PHE A 125 -26.19 -3.30 2.92
N LEU A 126 -26.48 -3.33 4.23
CA LEU A 126 -27.29 -4.39 4.80
C LEU A 126 -28.80 -4.22 4.48
N ASP A 127 -29.22 -2.96 4.38
CA ASP A 127 -30.54 -2.63 3.85
C ASP A 127 -30.67 -3.35 2.52
N LYS A 128 -29.99 -2.80 1.51
CA LYS A 128 -30.00 -3.29 0.13
C LYS A 128 -29.63 -4.75 -0.05
N HIS A 129 -29.38 -5.47 1.04
CA HIS A 129 -29.06 -6.89 0.94
C HIS A 129 -29.99 -7.74 1.78
N GLN A 130 -31.06 -7.12 2.25
CA GLN A 130 -32.10 -7.78 3.05
C GLN A 130 -31.46 -8.59 4.17
N MET A 131 -30.43 -8.00 4.79
CA MET A 131 -29.70 -8.70 5.85
C MET A 131 -29.51 -7.83 7.11
N LYS A 132 -30.09 -6.63 7.12
CA LYS A 132 -29.99 -5.69 8.25
C LYS A 132 -30.33 -6.30 9.62
N HIS A 133 -31.08 -7.40 9.57
CA HIS A 133 -31.51 -8.14 10.75
C HIS A 133 -30.54 -9.25 11.16
N LYS A 134 -29.26 -9.15 10.76
CA LYS A 134 -28.28 -10.18 11.08
C LYS A 134 -27.14 -9.68 11.97
N LYS A 135 -26.48 -10.63 12.62
CA LYS A 135 -25.31 -10.37 13.46
C LYS A 135 -24.18 -11.21 12.88
N LEU A 136 -23.22 -10.53 12.25
CA LEU A 136 -22.09 -11.19 11.59
C LEU A 136 -20.77 -10.75 12.21
N PRO A 137 -19.76 -11.62 12.17
CA PRO A 137 -18.36 -11.21 12.42
C PRO A 137 -17.82 -10.25 11.35
N LEU A 138 -17.24 -9.14 11.81
CA LEU A 138 -16.67 -8.13 10.93
C LEU A 138 -15.13 -8.25 10.79
N GLY A 139 -14.67 -8.37 9.55
CA GLY A 139 -13.26 -8.19 9.23
C GLY A 139 -13.08 -6.73 8.82
N PHE A 140 -12.07 -6.06 9.37
CA PHE A 140 -11.80 -4.67 9.00
C PHE A 140 -10.36 -4.44 8.45
N THR A 141 -10.26 -4.29 7.12
CA THR A 141 -9.02 -3.87 6.46
C THR A 141 -8.95 -2.37 6.54
N PHE A 142 -8.05 -1.88 7.36
CA PHE A 142 -7.84 -0.47 7.56
C PHE A 142 -6.34 -0.26 7.24
N SER A 143 -6.09 0.50 6.18
CA SER A 143 -4.78 0.59 5.53
C SER A 143 -4.00 1.84 5.94
N PHE A 144 -3.82 1.98 7.24
CA PHE A 144 -3.04 3.07 7.78
C PHE A 144 -2.24 2.48 8.91
N PRO A 145 -1.19 3.17 9.33
CA PRO A 145 -0.30 2.63 10.37
C PRO A 145 -1.05 2.49 11.70
N VAL A 146 -0.90 1.33 12.33
CA VAL A 146 -1.55 1.11 13.61
C VAL A 146 -0.62 0.40 14.60
N ARG A 147 -0.60 0.92 15.83
CA ARG A 147 -0.01 0.20 16.98
C ARG A 147 -1.00 -0.76 17.66
N HIS A 148 -0.78 -2.04 17.45
CA HIS A 148 -1.68 -3.05 17.95
C HIS A 148 -1.37 -3.42 19.38
N GLU A 149 -2.39 -3.33 20.23
CA GLU A 149 -2.37 -4.02 21.52
C GLU A 149 -2.81 -5.46 21.29
N ASP A 150 -3.78 -5.65 20.41
CA ASP A 150 -4.22 -6.99 20.04
C ASP A 150 -4.84 -7.01 18.64
N ILE A 151 -5.05 -8.22 18.12
CA ILE A 151 -5.65 -8.45 16.81
C ILE A 151 -6.94 -7.64 16.54
N ASP A 152 -7.53 -7.07 17.60
CA ASP A 152 -8.75 -6.29 17.46
C ASP A 152 -8.73 -4.98 18.24
N LYS A 153 -7.54 -4.54 18.62
CA LYS A 153 -7.36 -3.20 19.20
C LYS A 153 -6.02 -2.59 18.75
N GLY A 154 -6.06 -1.37 18.24
CA GLY A 154 -4.86 -0.64 17.87
C GLY A 154 -5.14 0.82 17.54
N ILE A 155 -4.15 1.66 17.79
CA ILE A 155 -4.30 3.11 17.57
C ILE A 155 -3.67 3.63 16.25
N LEU A 156 -4.29 4.66 15.70
CA LEU A 156 -3.82 5.26 14.49
C LEU A 156 -2.65 6.12 14.85
N LEU A 157 -1.49 5.77 14.30
CA LEU A 157 -0.28 6.52 14.61
C LEU A 157 -0.37 7.88 13.96
N ASN A 158 -0.91 7.91 12.76
CA ASN A 158 -1.13 9.14 12.02
C ASN A 158 -1.46 8.81 10.59
N TRP A 159 -2.47 9.48 10.07
CA TRP A 159 -2.92 9.32 8.69
C TRP A 159 -1.79 9.50 7.66
N THR A 160 -1.90 8.74 6.57
CA THR A 160 -1.04 8.88 5.41
C THR A 160 -1.95 9.05 4.20
N LYS A 161 -1.34 9.15 3.02
CA LYS A 161 -2.04 9.07 1.73
C LYS A 161 -3.07 10.17 1.53
N GLY A 162 -2.97 11.25 2.29
CA GLY A 162 -3.88 12.37 2.13
C GLY A 162 -5.01 12.52 3.14
N PHE A 163 -5.58 11.43 3.62
CA PHE A 163 -6.64 11.46 4.66
C PHE A 163 -6.32 12.47 5.74
N LYS A 164 -7.29 13.30 6.13
CA LYS A 164 -7.02 14.34 7.11
C LYS A 164 -7.99 14.41 8.31
N ALA A 165 -8.94 13.47 8.40
CA ALA A 165 -9.91 13.45 9.50
C ALA A 165 -9.32 13.72 10.92
N SER A 166 -9.73 14.86 11.51
CA SER A 166 -9.25 15.28 12.84
C SER A 166 -9.81 14.41 13.96
N GLY A 167 -9.03 14.30 15.04
CA GLY A 167 -9.38 13.48 16.19
C GLY A 167 -9.36 11.97 15.96
N ALA A 168 -8.72 11.52 14.89
CA ALA A 168 -8.61 10.09 14.68
C ALA A 168 -7.28 9.58 15.17
N GLU A 169 -6.25 10.41 15.02
CA GLU A 169 -4.91 10.03 15.46
C GLU A 169 -4.88 9.76 16.97
N GLY A 170 -4.12 8.75 17.37
CA GLY A 170 -3.92 8.46 18.78
C GLY A 170 -4.94 7.55 19.43
N ASN A 171 -5.97 7.15 18.67
CA ASN A 171 -7.13 6.43 19.22
C ASN A 171 -7.34 5.02 18.72
N ASN A 172 -8.07 4.23 19.50
CA ASN A 172 -8.52 2.90 19.09
C ASN A 172 -9.46 3.01 17.87
N VAL A 173 -8.96 2.59 16.70
CA VAL A 173 -9.70 2.65 15.44
C VAL A 173 -10.90 1.72 15.50
N VAL A 174 -10.67 0.54 16.06
CA VAL A 174 -11.75 -0.41 16.32
C VAL A 174 -12.71 0.18 17.35
N GLY A 175 -12.21 1.07 18.20
CA GLY A 175 -13.05 1.81 19.11
C GLY A 175 -13.96 2.75 18.34
N LEU A 176 -13.38 3.73 17.66
CA LEU A 176 -14.15 4.69 16.88
C LEU A 176 -15.18 4.02 15.97
N LEU A 177 -14.89 2.79 15.56
CA LEU A 177 -15.83 2.07 14.72
C LEU A 177 -17.06 1.69 15.55
N ARG A 178 -16.90 0.77 16.50
CA ARG A 178 -18.00 0.36 17.37
C ARG A 178 -18.76 1.57 17.91
N ASP A 179 -18.02 2.55 18.44
CA ASP A 179 -18.53 3.89 18.78
C ASP A 179 -19.64 4.35 17.84
N ALA A 180 -19.43 4.16 16.54
CA ALA A 180 -20.38 4.59 15.51
C ALA A 180 -21.38 3.50 15.11
N ILE A 181 -20.97 2.24 15.17
CA ILE A 181 -21.88 1.12 14.97
C ILE A 181 -22.97 1.13 16.05
N LYS A 182 -22.60 1.52 17.26
CA LYS A 182 -23.54 1.57 18.39
C LYS A 182 -24.48 2.79 18.34
N ARG A 183 -24.06 3.85 17.63
CA ARG A 183 -24.90 5.01 17.37
C ARG A 183 -25.80 4.78 16.16
N ARG A 184 -26.32 3.55 16.06
CA ARG A 184 -27.18 3.13 14.97
C ARG A 184 -28.32 2.25 15.50
N GLY A 185 -27.99 1.28 16.35
CA GLY A 185 -28.95 0.33 16.85
C GLY A 185 -29.43 -0.67 15.80
N ASP A 186 -29.48 -0.21 14.55
CA ASP A 186 -29.97 -0.97 13.40
C ASP A 186 -29.50 -2.43 13.37
N PHE A 187 -28.23 -2.65 13.73
CA PHE A 187 -27.56 -3.93 13.54
C PHE A 187 -26.50 -4.17 14.62
N GLU A 188 -26.03 -5.41 14.68
CA GLU A 188 -24.98 -5.81 15.62
C GLU A 188 -23.86 -6.53 14.88
N MET A 189 -22.63 -6.06 15.09
CA MET A 189 -21.43 -6.65 14.47
C MET A 189 -20.34 -7.02 15.49
N ASP A 190 -19.87 -8.27 15.38
CA ASP A 190 -18.68 -8.75 16.11
C ASP A 190 -17.41 -8.28 15.38
N VAL A 191 -16.91 -7.09 15.67
CA VAL A 191 -15.64 -6.62 15.09
C VAL A 191 -14.52 -7.47 15.67
N VAL A 192 -14.28 -8.59 15.01
CA VAL A 192 -13.40 -9.65 15.48
C VAL A 192 -11.92 -9.27 15.29
N ALA A 193 -11.59 -8.69 14.13
CA ALA A 193 -10.21 -8.59 13.62
C ALA A 193 -10.00 -7.33 12.79
N MET A 194 -8.89 -6.66 13.05
CA MET A 194 -8.45 -5.54 12.22
C MET A 194 -7.04 -5.78 11.63
N VAL A 195 -6.96 -5.67 10.30
CA VAL A 195 -5.73 -5.89 9.57
C VAL A 195 -5.32 -4.74 8.65
N ASN A 196 -4.02 -4.66 8.31
CA ASN A 196 -3.49 -3.77 7.27
C ASN A 196 -3.67 -4.50 5.94
N ASP A 197 -3.80 -3.73 4.84
CA ASP A 197 -3.95 -4.31 3.49
C ASP A 197 -2.88 -5.32 3.10
N THR A 198 -1.64 -5.08 3.55
CA THR A 198 -0.54 -5.96 3.24
C THR A 198 -0.82 -7.36 3.74
N VAL A 199 -1.19 -7.42 5.02
CA VAL A 199 -1.48 -8.66 5.76
C VAL A 199 -2.71 -9.33 5.17
N ALA A 200 -3.78 -8.56 4.95
CA ALA A 200 -5.00 -9.14 4.37
C ALA A 200 -4.62 -9.97 3.16
N THR A 201 -3.95 -9.29 2.23
CA THR A 201 -3.42 -9.84 1.00
C THR A 201 -2.52 -11.03 1.24
N MET A 202 -1.59 -10.89 2.18
CA MET A 202 -0.68 -11.98 2.46
C MET A 202 -1.44 -13.21 2.95
N ILE A 203 -2.42 -12.98 3.84
CA ILE A 203 -3.22 -14.10 4.33
C ILE A 203 -3.94 -14.83 3.20
N SER A 204 -4.68 -14.09 2.37
CA SER A 204 -5.38 -14.76 1.26
C SER A 204 -4.44 -15.44 0.29
N CYS A 205 -3.25 -14.87 0.09
CA CYS A 205 -2.28 -15.55 -0.77
C CYS A 205 -1.76 -16.82 -0.14
N TYR A 206 -1.37 -16.73 1.14
CA TYR A 206 -1.05 -17.92 1.97
C TYR A 206 -2.00 -19.11 1.80
N TYR A 207 -3.30 -18.87 1.84
CA TYR A 207 -4.24 -19.99 1.66
C TYR A 207 -4.20 -20.61 0.25
N GLU A 208 -3.77 -19.80 -0.73
CA GLU A 208 -3.47 -20.27 -2.09
C GLU A 208 -2.11 -20.95 -2.11
N ASP A 209 -1.13 -20.33 -1.44
CA ASP A 209 0.25 -20.83 -1.37
C ASP A 209 0.91 -20.66 0.03
N HIS A 210 1.11 -21.79 0.71
CA HIS A 210 1.73 -21.85 2.04
C HIS A 210 3.13 -21.19 2.15
N GLN A 211 3.81 -21.08 1.03
CA GLN A 211 5.07 -20.34 0.95
C GLN A 211 4.88 -18.82 1.09
N CYS A 212 3.65 -18.33 1.00
CA CYS A 212 3.50 -16.89 1.06
C CYS A 212 3.75 -16.45 2.48
N GLU A 213 4.84 -15.70 2.67
CA GLU A 213 5.18 -15.12 3.94
C GLU A 213 5.38 -13.62 3.83
N VAL A 214 5.08 -13.04 2.68
CA VAL A 214 5.22 -11.60 2.56
C VAL A 214 3.98 -11.06 1.94
N GLY A 215 3.59 -9.85 2.30
CA GLY A 215 2.52 -9.23 1.58
C GLY A 215 2.93 -7.86 1.17
N MET A 216 2.63 -7.50 -0.07
CA MET A 216 3.03 -6.20 -0.61
C MET A 216 1.92 -5.45 -1.37
N ILE A 217 1.92 -4.14 -1.17
CA ILE A 217 0.96 -3.28 -1.80
C ILE A 217 1.76 -2.18 -2.55
N VAL A 218 1.56 -2.07 -3.87
CA VAL A 218 2.06 -0.93 -4.59
C VAL A 218 0.90 -0.32 -5.33
N GLY A 219 0.18 0.62 -4.70
CA GLY A 219 -0.97 1.27 -5.30
C GLY A 219 -0.90 2.75 -4.97
N THR A 220 -2.00 3.34 -4.53
CA THR A 220 -1.97 4.70 -4.03
C THR A 220 -0.83 4.89 -3.04
N GLY A 221 -0.55 3.87 -2.25
CA GLY A 221 0.51 3.93 -1.29
C GLY A 221 1.40 2.75 -1.57
N CYS A 222 2.48 2.63 -0.78
CA CYS A 222 3.38 1.52 -0.93
C CYS A 222 3.81 1.01 0.43
N ASN A 223 3.71 -0.30 0.65
CA ASN A 223 4.02 -0.89 1.95
C ASN A 223 4.17 -2.38 1.85
N ALA A 224 4.68 -3.00 2.92
CA ALA A 224 4.90 -4.43 2.94
C ALA A 224 4.80 -5.05 4.34
N CYS A 225 4.56 -6.36 4.41
CA CYS A 225 4.44 -7.05 5.69
C CYS A 225 4.99 -8.45 5.51
N TYR A 226 5.55 -9.02 6.56
CA TYR A 226 6.26 -10.32 6.45
C TYR A 226 6.12 -11.08 7.74
N MET A 227 6.32 -12.38 7.64
CA MET A 227 6.36 -13.29 8.77
C MET A 227 7.70 -13.20 9.50
N GLU A 228 7.68 -12.66 10.73
CA GLU A 228 8.91 -12.56 11.56
C GLU A 228 9.02 -13.66 12.63
N GLU A 229 10.24 -13.88 13.10
CA GLU A 229 10.47 -14.80 14.21
C GLU A 229 10.13 -14.09 15.50
N MET A 230 9.29 -14.72 16.32
CA MET A 230 8.69 -14.12 17.52
C MET A 230 9.72 -13.54 18.48
N GLN A 231 10.85 -14.24 18.61
CA GLN A 231 11.97 -13.76 19.44
C GLN A 231 12.64 -12.51 18.95
N ASN A 232 12.39 -12.10 17.71
CA ASN A 232 12.90 -10.82 17.22
C ASN A 232 11.90 -9.68 17.40
N VAL A 233 10.62 -10.01 17.60
CA VAL A 233 9.63 -8.96 17.85
C VAL A 233 9.66 -8.57 19.33
N GLU A 234 10.58 -7.70 19.67
CA GLU A 234 10.81 -7.39 21.07
C GLU A 234 9.57 -6.74 21.73
N LEU A 235 8.76 -6.03 20.95
CA LEU A 235 7.60 -5.34 21.48
C LEU A 235 6.45 -6.29 21.86
N VAL A 236 6.68 -7.59 21.76
CA VAL A 236 5.67 -8.59 22.11
C VAL A 236 6.30 -9.66 22.98
N GLU A 237 5.68 -9.94 24.11
CA GLU A 237 6.20 -10.95 25.00
C GLU A 237 6.05 -12.35 24.42
N GLY A 238 7.09 -13.16 24.53
CA GLY A 238 7.09 -14.53 23.98
C GLY A 238 8.19 -14.78 22.96
N ASP A 239 8.62 -16.03 22.84
CA ASP A 239 9.74 -16.32 21.96
C ASP A 239 9.43 -17.50 21.05
N GLU A 240 8.31 -18.17 21.32
CA GLU A 240 7.92 -19.29 20.48
C GLU A 240 7.00 -18.77 19.41
N GLY A 241 7.09 -19.39 18.23
CA GLY A 241 6.22 -19.06 17.12
C GLY A 241 6.69 -17.90 16.28
N ARG A 242 5.76 -17.38 15.46
CA ARG A 242 6.03 -16.30 14.51
C ARG A 242 4.84 -15.37 14.40
N MET A 243 5.09 -14.07 14.33
CA MET A 243 4.04 -13.08 14.09
C MET A 243 4.33 -12.29 12.80
N CYS A 244 3.30 -12.04 12.00
CA CYS A 244 3.41 -11.10 10.88
C CYS A 244 3.64 -9.70 11.44
N VAL A 245 4.51 -8.94 10.78
CA VAL A 245 4.91 -7.61 11.19
C VAL A 245 4.68 -6.62 10.07
N ASN A 246 3.95 -5.55 10.35
CA ASN A 246 3.69 -4.51 9.37
C ASN A 246 4.83 -3.47 9.30
N THR A 247 5.74 -3.58 8.33
CA THR A 247 6.92 -2.70 8.27
C THR A 247 6.56 -1.22 8.29
N GLU A 248 5.63 -0.83 7.42
CA GLU A 248 5.32 0.56 7.14
C GLU A 248 6.55 1.23 6.50
N TRP A 249 7.08 0.54 5.51
CA TRP A 249 8.28 1.03 4.88
C TRP A 249 8.09 2.35 4.13
N GLY A 250 6.84 2.74 3.88
CA GLY A 250 6.55 4.01 3.22
C GLY A 250 7.20 5.21 3.90
N ALA A 251 7.50 5.04 5.19
CA ALA A 251 8.10 6.11 5.98
C ALA A 251 9.62 5.93 6.13
N PHE A 252 10.18 4.93 5.42
CA PHE A 252 11.61 4.81 5.23
C PHE A 252 12.13 6.06 4.55
N GLY A 253 13.24 6.61 5.01
CA GLY A 253 13.66 7.95 4.60
C GLY A 253 13.18 9.11 5.48
N ASP A 254 12.25 8.86 6.39
CA ASP A 254 11.76 9.95 7.25
C ASP A 254 12.83 10.53 8.20
N SER A 255 13.85 9.74 8.54
CA SER A 255 14.95 10.22 9.37
C SER A 255 16.15 10.57 8.51
N GLY A 256 15.90 10.86 7.23
CA GLY A 256 16.94 11.27 6.31
C GLY A 256 17.71 10.17 5.58
N GLU A 257 17.37 8.89 5.80
CA GLU A 257 18.06 7.76 5.16
C GLU A 257 18.21 7.89 3.64
N LEU A 258 17.31 8.64 3.00
CA LEU A 258 17.36 8.71 1.55
C LEU A 258 17.83 10.04 0.96
N ASP A 259 18.27 11.02 1.78
CA ASP A 259 18.60 12.38 1.28
C ASP A 259 19.50 12.47 0.04
N GLU A 260 20.47 11.58 -0.07
CA GLU A 260 21.33 11.58 -1.23
C GLU A 260 20.61 11.21 -2.53
N PHE A 261 19.43 10.60 -2.44
CA PHE A 261 18.69 10.17 -3.63
C PHE A 261 17.57 11.14 -4.04
N LEU A 262 16.97 11.82 -3.06
CA LEU A 262 15.85 12.72 -3.32
C LEU A 262 16.18 13.81 -4.30
N LEU A 263 15.33 13.95 -5.32
CA LEU A 263 15.46 15.00 -6.35
C LEU A 263 14.61 16.22 -6.02
N GLU A 264 14.81 17.31 -6.76
CA GLU A 264 13.97 18.51 -6.56
C GLU A 264 12.46 18.14 -6.61
N TYR A 265 12.08 17.29 -7.56
CA TYR A 265 10.70 16.87 -7.77
C TYR A 265 10.17 16.16 -6.52
N ASP A 266 11.08 15.45 -5.85
CA ASP A 266 10.76 14.80 -4.59
C ASP A 266 10.57 15.84 -3.51
N ARG A 267 11.45 16.83 -3.43
CA ARG A 267 11.33 17.87 -2.40
C ARG A 267 10.05 18.69 -2.58
N LEU A 268 9.69 18.99 -3.82
CA LEU A 268 8.49 19.77 -4.08
C LEU A 268 7.20 18.98 -3.86
N VAL A 269 7.23 17.67 -4.11
CA VAL A 269 6.05 16.85 -3.87
C VAL A 269 5.77 16.74 -2.38
N ASP A 270 6.85 16.60 -1.60
CA ASP A 270 6.82 16.54 -0.15
C ASP A 270 6.12 17.77 0.44
N GLU A 271 6.70 18.96 0.18
CA GLU A 271 6.25 20.23 0.77
C GLU A 271 4.77 20.47 0.58
N SER A 272 4.29 20.15 -0.63
CA SER A 272 2.91 20.40 -1.01
C SER A 272 1.94 19.35 -0.51
N SER A 273 2.48 18.23 -0.01
CA SER A 273 1.65 17.10 0.41
C SER A 273 1.00 17.36 1.76
N ALA A 274 -0.09 16.63 2.02
CA ALA A 274 -0.78 16.71 3.29
C ALA A 274 0.08 16.20 4.46
N ASN A 275 1.18 15.49 4.16
CA ASN A 275 2.05 14.89 5.21
C ASN A 275 3.54 15.25 5.11
N PRO A 276 3.87 16.54 5.09
CA PRO A 276 5.23 17.01 4.79
C PRO A 276 6.30 16.46 5.71
N GLY A 277 7.30 15.77 5.16
CA GLY A 277 8.40 15.23 5.96
C GLY A 277 8.19 13.78 6.35
N GLN A 278 7.08 13.21 5.88
CA GLN A 278 6.65 11.88 6.26
C GLN A 278 6.39 11.02 5.04
N GLN A 279 6.53 9.71 5.18
CA GLN A 279 6.23 8.79 4.06
C GLN A 279 7.08 9.06 2.81
N LEU A 280 8.36 9.41 3.02
CA LEU A 280 9.22 9.84 1.93
C LEU A 280 9.50 8.74 0.88
N TYR A 281 9.71 7.52 1.32
CA TYR A 281 10.00 6.43 0.40
C TYR A 281 8.77 6.18 -0.47
N GLU A 282 7.60 6.16 0.15
CA GLU A 282 6.34 5.90 -0.53
C GLU A 282 6.08 6.93 -1.63
N LYS A 283 6.62 8.12 -1.40
CA LYS A 283 6.42 9.27 -2.26
C LYS A 283 7.32 9.17 -3.49
N LEU A 284 8.20 8.17 -3.49
CA LEU A 284 8.94 7.81 -4.69
C LEU A 284 8.19 6.77 -5.50
N ILE A 285 7.30 5.99 -4.86
CA ILE A 285 6.67 4.86 -5.52
C ILE A 285 5.17 5.04 -5.76
N GLY A 286 4.46 5.42 -4.72
CA GLY A 286 3.02 5.33 -4.68
C GLY A 286 2.30 6.11 -5.75
N GLY A 287 1.18 5.56 -6.19
CA GLY A 287 0.41 6.17 -7.25
C GLY A 287 -0.35 7.42 -6.85
N LYS A 288 -0.18 7.85 -5.62
CA LYS A 288 -0.76 9.10 -5.18
C LYS A 288 0.19 10.21 -5.61
N TYR A 289 1.40 9.79 -5.96
CA TYR A 289 2.51 10.71 -6.16
C TYR A 289 3.18 10.59 -7.53
N MET A 290 3.08 9.41 -8.14
CA MET A 290 3.78 9.15 -9.39
C MET A 290 3.50 10.21 -10.51
N GLY A 291 2.22 10.46 -10.76
CA GLY A 291 1.81 11.45 -11.73
C GLY A 291 2.16 12.88 -11.34
N GLU A 292 2.14 13.15 -10.05
CA GLU A 292 2.53 14.47 -9.64
C GLU A 292 4.02 14.68 -9.91
N LEU A 293 4.81 13.62 -9.78
CA LEU A 293 6.23 13.73 -10.05
C LEU A 293 6.45 14.05 -11.53
N VAL A 294 5.71 13.35 -12.40
CA VAL A 294 5.77 13.62 -13.83
C VAL A 294 5.36 15.04 -14.15
N ARG A 295 4.24 15.49 -13.57
CA ARG A 295 3.81 16.87 -13.78
C ARG A 295 5.00 17.77 -13.51
N LEU A 296 5.60 17.59 -12.33
CA LEU A 296 6.71 18.43 -11.90
C LEU A 296 7.89 18.32 -12.88
N VAL A 297 8.17 17.12 -13.35
CA VAL A 297 9.26 16.89 -14.30
C VAL A 297 8.95 17.58 -15.63
N LEU A 298 7.68 17.50 -16.04
CA LEU A 298 7.27 18.09 -17.30
C LEU A 298 7.49 19.60 -17.25
N LEU A 299 7.04 20.21 -16.15
CA LEU A 299 7.19 21.63 -15.93
C LEU A 299 8.64 22.11 -15.98
N ARG A 300 9.58 21.42 -15.32
CA ARG A 300 10.96 21.90 -15.38
C ARG A 300 11.31 22.03 -16.85
N LEU A 301 11.06 20.96 -17.59
CA LEU A 301 11.28 20.87 -19.04
C LEU A 301 10.68 22.05 -19.85
N VAL A 302 9.48 22.50 -19.48
CA VAL A 302 8.92 23.70 -20.09
C VAL A 302 9.63 25.00 -19.69
N ASP A 303 10.04 25.16 -18.44
CA ASP A 303 10.77 26.37 -18.06
C ASP A 303 12.15 26.38 -18.72
N GLU A 304 12.80 25.22 -18.78
CA GLU A 304 14.04 25.08 -19.52
C GLU A 304 13.79 25.17 -21.02
N ASN A 305 12.55 25.47 -21.39
CA ASN A 305 12.19 25.72 -22.79
C ASN A 305 12.52 24.52 -23.74
N LEU A 306 12.25 23.29 -23.27
CA LEU A 306 12.72 22.04 -23.89
C LEU A 306 11.56 21.15 -24.32
N LEU A 307 10.36 21.60 -24.01
CA LEU A 307 9.16 20.81 -24.19
C LEU A 307 7.98 21.77 -24.19
N PHE A 308 6.98 21.47 -25.03
CA PHE A 308 5.79 22.30 -25.26
C PHE A 308 6.11 23.69 -25.82
N HIS A 309 7.23 23.76 -26.57
CA HIS A 309 7.69 24.98 -27.22
C HIS A 309 7.68 26.16 -26.22
N GLY A 310 8.04 25.86 -24.97
CA GLY A 310 8.17 26.84 -23.90
C GLY A 310 6.93 27.13 -23.08
N GLU A 311 5.80 27.21 -23.75
CA GLU A 311 4.52 27.51 -23.12
C GLU A 311 3.98 26.32 -22.29
N ALA A 312 3.00 26.58 -21.42
CA ALA A 312 2.38 25.53 -20.60
C ALA A 312 0.90 25.77 -20.35
N SER A 313 0.12 24.69 -20.34
CA SER A 313 -1.31 24.74 -20.07
C SER A 313 -1.68 25.29 -18.68
N GLU A 314 -2.86 25.88 -18.61
CA GLU A 314 -3.49 26.30 -17.37
C GLU A 314 -3.63 25.12 -16.41
N GLN A 315 -3.89 23.95 -16.97
CA GLN A 315 -4.13 22.75 -16.18
C GLN A 315 -2.84 22.05 -15.79
N LEU A 316 -1.95 21.88 -16.76
CA LEU A 316 -0.66 21.31 -16.46
C LEU A 316 -0.07 22.02 -15.27
N ARG A 317 -0.49 23.25 -15.05
CA ARG A 317 0.12 24.08 -14.03
C ARG A 317 -0.59 24.00 -12.67
N THR A 318 -1.56 23.10 -12.52
CA THR A 318 -2.26 22.91 -11.24
C THR A 318 -1.92 21.56 -10.59
N ARG A 319 -1.59 21.58 -9.30
CA ARG A 319 -1.33 20.34 -8.54
C ARG A 319 -2.36 19.28 -8.87
N GLY A 320 -1.92 18.01 -8.94
CA GLY A 320 -2.82 16.90 -9.15
C GLY A 320 -3.58 16.91 -10.46
N ALA A 321 -2.96 17.42 -11.52
CA ALA A 321 -3.61 17.40 -12.84
C ALA A 321 -3.16 16.19 -13.66
N PHE A 322 -1.86 15.91 -13.61
CA PHE A 322 -1.30 14.74 -14.28
C PHE A 322 -1.49 13.46 -13.42
N GLU A 323 -2.72 12.91 -13.46
CA GLU A 323 -3.09 11.66 -12.82
C GLU A 323 -2.14 10.50 -13.11
N THR A 324 -1.90 9.69 -12.10
CA THR A 324 -1.05 8.53 -12.22
C THR A 324 -1.50 7.60 -13.35
N ARG A 325 -2.79 7.48 -13.56
CA ARG A 325 -3.24 6.60 -14.63
C ARG A 325 -2.73 7.09 -15.99
N PHE A 326 -2.46 8.39 -16.12
CA PHE A 326 -1.88 8.97 -17.36
C PHE A 326 -0.46 8.49 -17.61
N VAL A 327 0.29 8.32 -16.52
CA VAL A 327 1.66 7.87 -16.62
C VAL A 327 1.54 6.54 -17.32
N SER A 328 0.66 5.74 -16.72
CA SER A 328 0.34 4.40 -17.20
C SER A 328 -0.08 4.35 -18.66
N GLN A 329 -0.97 5.25 -19.07
CA GLN A 329 -1.51 5.19 -20.42
C GLN A 329 -0.41 5.54 -21.39
N VAL A 330 0.33 6.60 -21.05
CA VAL A 330 1.39 7.10 -21.91
C VAL A 330 2.38 5.98 -22.18
N GLU A 331 2.54 5.07 -21.23
CA GLU A 331 3.53 4.04 -21.41
C GLU A 331 2.99 2.86 -22.18
N SER A 332 1.71 2.90 -22.53
CA SER A 332 1.07 1.79 -23.28
C SER A 332 0.84 2.16 -24.72
N ASP A 333 1.01 3.46 -25.01
CA ASP A 333 1.06 3.95 -26.37
C ASP A 333 1.91 3.00 -27.21
N THR A 334 1.37 2.64 -28.35
CA THR A 334 1.94 1.63 -29.24
C THR A 334 3.09 2.21 -30.12
N GLY A 335 3.29 3.52 -30.03
CA GLY A 335 4.30 4.25 -30.80
C GLY A 335 3.72 5.30 -31.74
N ASP A 336 2.43 5.17 -32.03
CA ASP A 336 1.76 5.99 -33.01
C ASP A 336 1.38 7.34 -32.42
N ARG A 337 1.56 7.44 -31.10
CA ARG A 337 1.40 8.68 -30.31
C ARG A 337 -0.02 9.14 -30.09
N LYS A 338 -0.99 8.44 -30.67
CA LYS A 338 -2.39 8.80 -30.47
C LYS A 338 -2.66 8.92 -28.98
N GLN A 339 -2.31 7.87 -28.24
CA GLN A 339 -2.54 7.80 -26.79
C GLN A 339 -1.92 8.98 -26.01
N ILE A 340 -0.65 9.30 -26.33
CA ILE A 340 0.03 10.41 -25.68
C ILE A 340 -0.66 11.74 -26.01
N TYR A 341 -1.02 11.90 -27.28
CA TYR A 341 -1.71 13.10 -27.72
C TYR A 341 -3.00 13.34 -26.98
N ASN A 342 -3.89 12.34 -26.93
CA ASN A 342 -5.21 12.51 -26.32
C ASN A 342 -5.19 12.85 -24.85
N ILE A 343 -4.23 12.29 -24.11
CA ILE A 343 -4.04 12.75 -22.71
C ILE A 343 -3.65 14.22 -22.66
N LEU A 344 -2.62 14.59 -23.44
CA LEU A 344 -2.11 15.98 -23.47
C LEU A 344 -3.14 16.95 -23.97
N SER A 345 -3.87 16.57 -25.02
CA SER A 345 -4.93 17.43 -25.55
C SER A 345 -6.00 17.68 -24.50
N THR A 346 -6.43 16.63 -23.82
CA THR A 346 -7.38 16.76 -22.72
C THR A 346 -6.88 17.79 -21.71
N LEU A 347 -5.57 17.82 -21.51
CA LEU A 347 -4.98 18.72 -20.53
C LEU A 347 -4.93 20.17 -21.04
N GLY A 348 -5.08 20.35 -22.35
CA GLY A 348 -5.12 21.68 -22.94
C GLY A 348 -3.82 21.99 -23.64
N LEU A 349 -3.20 20.96 -24.19
CA LEU A 349 -1.94 21.14 -24.86
C LEU A 349 -2.00 20.62 -26.29
N ARG A 350 -1.10 21.10 -27.12
CA ARG A 350 -1.03 20.62 -28.48
C ARG A 350 0.40 20.23 -28.74
N PRO A 351 0.77 19.03 -28.27
CA PRO A 351 2.14 18.56 -28.34
C PRO A 351 2.49 18.24 -29.76
N SER A 352 3.77 18.13 -30.03
CA SER A 352 4.22 17.69 -31.32
C SER A 352 4.73 16.27 -31.15
N THR A 353 5.09 15.67 -32.26
CA THR A 353 5.77 14.40 -32.26
C THR A 353 6.80 14.29 -31.15
N THR A 354 7.68 15.28 -31.02
CA THR A 354 8.79 15.13 -30.07
C THR A 354 8.36 15.45 -28.66
N ASP A 355 7.41 16.36 -28.50
CA ASP A 355 6.78 16.59 -27.18
C ASP A 355 6.26 15.28 -26.59
N CYS A 356 5.54 14.54 -27.43
CA CYS A 356 4.95 13.27 -27.06
C CYS A 356 6.04 12.31 -26.59
N ASP A 357 7.08 12.18 -27.40
CA ASP A 357 8.23 11.35 -27.06
C ASP A 357 8.87 11.78 -25.73
N ILE A 358 8.89 13.10 -25.49
CA ILE A 358 9.50 13.62 -24.28
C ILE A 358 8.64 13.29 -23.06
N VAL A 359 7.34 13.50 -23.18
CA VAL A 359 6.42 13.13 -22.12
C VAL A 359 6.52 11.60 -21.83
N ARG A 360 6.79 10.81 -22.87
CA ARG A 360 6.97 9.36 -22.71
C ARG A 360 8.18 9.07 -21.87
N ARG A 361 9.24 9.84 -22.08
CA ARG A 361 10.53 9.54 -21.45
C ARG A 361 10.46 9.93 -19.98
N ALA A 362 9.84 11.08 -19.71
CA ALA A 362 9.61 11.54 -18.36
C ALA A 362 8.87 10.44 -17.56
N CYS A 363 7.76 9.95 -18.11
CA CYS A 363 7.01 8.86 -17.48
C CYS A 363 7.87 7.66 -17.13
N GLU A 364 8.67 7.19 -18.10
CA GLU A 364 9.48 5.96 -17.94
C GLU A 364 10.59 6.14 -16.91
N SER A 365 11.11 7.37 -16.86
CA SER A 365 12.09 7.74 -15.86
C SER A 365 11.50 7.67 -14.45
N VAL A 366 10.31 8.24 -14.26
CA VAL A 366 9.64 8.25 -12.94
C VAL A 366 9.15 6.86 -12.47
N SER A 367 8.54 6.09 -13.34
CA SER A 367 8.04 4.78 -12.97
C SER A 367 9.15 3.75 -12.91
N THR A 368 10.16 3.87 -13.76
CA THR A 368 11.30 2.95 -13.68
C THR A 368 11.98 3.14 -12.30
N ARG A 369 12.06 4.38 -11.83
CA ARG A 369 12.72 4.61 -10.57
C ARG A 369 11.86 4.06 -9.44
N ALA A 370 10.58 4.45 -9.41
CA ALA A 370 9.61 3.84 -8.52
C ALA A 370 9.83 2.32 -8.44
N ALA A 371 9.94 1.65 -9.58
CA ALA A 371 10.09 0.20 -9.56
C ALA A 371 11.38 -0.24 -8.93
N HIS A 372 12.47 0.43 -9.26
CA HIS A 372 13.78 0.06 -8.76
C HIS A 372 13.85 0.29 -7.23
N MET A 373 13.41 1.45 -6.82
CA MET A 373 13.41 1.85 -5.43
C MET A 373 12.60 0.82 -4.63
N CYS A 374 11.46 0.41 -5.17
CA CYS A 374 10.62 -0.61 -4.57
C CYS A 374 11.33 -1.95 -4.43
N SER A 375 12.03 -2.33 -5.48
CA SER A 375 12.72 -3.62 -5.53
C SER A 375 13.74 -3.70 -4.43
N ALA A 376 14.33 -2.57 -4.09
CA ALA A 376 15.32 -2.54 -3.00
C ALA A 376 14.70 -2.87 -1.64
N GLY A 377 13.51 -2.32 -1.37
CA GLY A 377 12.79 -2.58 -0.14
C GLY A 377 12.36 -4.04 -0.09
N LEU A 378 11.76 -4.53 -1.18
CA LEU A 378 11.36 -5.94 -1.18
C LEU A 378 12.58 -6.80 -0.93
N ALA A 379 13.69 -6.48 -1.61
CA ALA A 379 14.93 -7.25 -1.48
C ALA A 379 15.47 -7.17 -0.05
N GLY A 380 15.35 -5.98 0.55
CA GLY A 380 15.65 -5.84 1.96
C GLY A 380 14.88 -6.87 2.82
N VAL A 381 13.55 -6.92 2.62
CA VAL A 381 12.72 -7.74 3.47
C VAL A 381 13.14 -9.16 3.23
N ILE A 382 13.07 -9.61 1.99
CA ILE A 382 13.44 -10.98 1.67
C ILE A 382 14.82 -11.43 2.21
N ASN A 383 15.86 -10.64 1.97
CA ASN A 383 17.19 -11.03 2.43
C ASN A 383 17.27 -11.09 3.92
N ARG A 384 16.61 -10.17 4.62
CA ARG A 384 16.50 -10.33 6.07
C ARG A 384 15.91 -11.69 6.45
N MET A 385 14.79 -12.05 5.83
CA MET A 385 14.13 -13.30 6.15
C MET A 385 15.04 -14.51 5.93
N ARG A 386 15.90 -14.39 4.92
CA ARG A 386 16.77 -15.47 4.49
C ARG A 386 17.79 -15.83 5.55
N GLU A 387 18.15 -14.84 6.35
CA GLU A 387 19.01 -15.12 7.50
C GLU A 387 18.38 -16.06 8.55
N SER A 388 17.11 -16.43 8.36
CA SER A 388 16.42 -17.30 9.31
C SER A 388 15.97 -18.56 8.63
N ARG A 389 16.45 -18.76 7.42
CA ARG A 389 16.08 -19.93 6.67
C ARG A 389 17.32 -20.74 6.38
N SER A 390 17.26 -22.01 6.75
CA SER A 390 18.41 -22.91 6.63
C SER A 390 18.12 -23.91 5.53
N GLU A 391 18.41 -23.52 4.30
CA GLU A 391 18.25 -24.38 3.14
C GLU A 391 18.92 -23.68 1.98
N ASP A 392 19.60 -24.46 1.14
CA ASP A 392 20.43 -23.91 0.05
C ASP A 392 19.69 -22.87 -0.80
N VAL A 393 18.47 -23.18 -1.20
CA VAL A 393 17.67 -22.26 -2.00
C VAL A 393 16.35 -22.00 -1.28
N MET A 394 16.20 -20.79 -0.73
CA MET A 394 14.96 -20.42 -0.06
C MET A 394 13.89 -20.08 -1.07
N ARG A 395 12.78 -20.82 -1.00
CA ARG A 395 11.63 -20.57 -1.84
C ARG A 395 10.65 -19.77 -1.02
N ILE A 396 10.43 -18.51 -1.38
CA ILE A 396 9.39 -17.70 -0.73
C ILE A 396 8.40 -17.18 -1.75
N THR A 397 7.18 -16.91 -1.29
CA THR A 397 6.13 -16.38 -2.17
C THR A 397 5.64 -15.03 -1.66
N VAL A 398 5.48 -14.07 -2.58
CA VAL A 398 5.06 -12.73 -2.22
C VAL A 398 3.66 -12.49 -2.78
N GLY A 399 2.77 -11.96 -1.95
CA GLY A 399 1.44 -11.67 -2.43
C GLY A 399 1.40 -10.20 -2.68
N VAL A 400 0.80 -9.83 -3.79
CA VAL A 400 0.90 -8.44 -4.22
C VAL A 400 -0.43 -7.94 -4.69
N ASP A 401 -0.71 -6.68 -4.36
CA ASP A 401 -1.87 -5.98 -4.87
C ASP A 401 -1.48 -4.55 -5.07
N GLY A 402 -2.27 -3.82 -5.85
CA GLY A 402 -2.05 -2.39 -6.08
C GLY A 402 -2.18 -2.02 -7.55
N SER A 403 -2.80 -0.87 -7.82
CA SER A 403 -3.00 -0.45 -9.20
C SER A 403 -1.67 -0.25 -9.93
N VAL A 404 -0.70 0.37 -9.26
CA VAL A 404 0.59 0.68 -9.88
C VAL A 404 1.29 -0.59 -10.28
N TYR A 405 1.32 -1.54 -9.37
CA TYR A 405 1.85 -2.88 -9.67
C TYR A 405 1.05 -3.66 -10.73
N LYS A 406 -0.24 -3.48 -10.77
CA LYS A 406 -1.08 -4.36 -11.57
C LYS A 406 -1.24 -3.81 -12.97
N LEU A 407 -1.63 -2.55 -13.01
CA LEU A 407 -2.13 -1.90 -14.21
C LEU A 407 -1.04 -1.24 -15.09
N HIS A 408 0.04 -0.78 -14.47
CA HIS A 408 1.11 -0.08 -15.19
C HIS A 408 1.80 -1.07 -16.10
N PRO A 409 1.98 -0.66 -17.36
CA PRO A 409 2.46 -1.55 -18.43
C PRO A 409 3.78 -2.21 -18.14
N SER A 410 4.65 -1.64 -17.31
CA SER A 410 5.95 -2.30 -17.18
C SER A 410 6.57 -2.45 -15.80
N PHE A 411 5.93 -1.84 -14.82
CA PHE A 411 6.40 -1.89 -13.45
C PHE A 411 6.71 -3.31 -13.02
N LYS A 412 5.74 -4.19 -13.20
CA LYS A 412 5.80 -5.56 -12.72
C LYS A 412 7.11 -6.18 -13.18
N GLU A 413 7.39 -6.02 -14.47
CA GLU A 413 8.51 -6.66 -15.11
C GLU A 413 9.86 -6.10 -14.66
N ARG A 414 9.98 -4.79 -14.64
CA ARG A 414 11.22 -4.18 -14.19
C ARG A 414 11.40 -4.56 -12.75
N PHE A 415 10.32 -4.35 -11.98
CA PHE A 415 10.29 -4.70 -10.56
C PHE A 415 10.79 -6.14 -10.29
N HIS A 416 10.24 -7.13 -10.97
CA HIS A 416 10.69 -8.51 -10.71
C HIS A 416 12.20 -8.70 -10.96
N ALA A 417 12.67 -8.26 -12.13
CA ALA A 417 14.05 -8.48 -12.54
C ALA A 417 15.02 -7.87 -11.52
N SER A 418 14.74 -6.65 -11.13
CA SER A 418 15.58 -6.03 -10.14
C SER A 418 15.60 -6.85 -8.84
N VAL A 419 14.40 -7.09 -8.24
CA VAL A 419 14.24 -7.90 -7.00
C VAL A 419 15.10 -9.15 -7.07
N ARG A 420 14.97 -9.88 -8.16
CA ARG A 420 15.76 -11.09 -8.35
C ARG A 420 17.28 -10.83 -8.38
N ARG A 421 17.71 -9.74 -9.02
CA ARG A 421 19.14 -9.41 -9.03
C ARG A 421 19.60 -9.19 -7.58
N LEU A 422 18.78 -8.51 -6.79
CA LEU A 422 19.14 -8.25 -5.41
C LEU A 422 18.98 -9.42 -4.42
N THR A 423 18.37 -10.54 -4.82
CA THR A 423 18.11 -11.64 -3.86
C THR A 423 18.70 -13.02 -4.23
N PRO A 424 20.04 -13.11 -4.25
CA PRO A 424 20.75 -14.37 -4.49
C PRO A 424 20.22 -15.52 -3.66
N SER A 425 20.31 -16.76 -4.11
CA SER A 425 19.86 -17.92 -3.31
C SER A 425 18.36 -17.90 -2.93
N CYS A 426 17.60 -16.95 -3.47
CA CYS A 426 16.15 -16.93 -3.29
C CYS A 426 15.41 -17.25 -4.58
N GLU A 427 14.47 -18.17 -4.49
CA GLU A 427 13.55 -18.44 -5.59
C GLU A 427 12.26 -17.77 -5.19
N ILE A 428 11.95 -16.63 -5.80
CA ILE A 428 10.76 -15.87 -5.39
C ILE A 428 9.55 -16.15 -6.27
N THR A 429 8.36 -16.25 -5.67
CA THR A 429 7.11 -16.36 -6.47
C THR A 429 6.16 -15.21 -6.20
N PHE A 430 5.66 -14.60 -7.26
CA PHE A 430 4.69 -13.53 -7.10
C PHE A 430 3.32 -14.05 -7.42
N ILE A 431 2.36 -13.73 -6.56
CA ILE A 431 1.00 -14.16 -6.77
C ILE A 431 0.18 -12.92 -6.50
N GLU A 432 -0.74 -12.66 -7.39
CA GLU A 432 -1.57 -11.47 -7.28
C GLU A 432 -2.85 -11.85 -6.55
N SER A 433 -3.19 -11.04 -5.55
CA SER A 433 -4.32 -11.36 -4.67
C SER A 433 -5.65 -11.14 -5.37
N GLU A 434 -6.41 -12.23 -5.49
CA GLU A 434 -7.79 -12.12 -5.96
C GLU A 434 -8.74 -11.71 -4.82
N GLU A 435 -9.26 -10.49 -4.93
CA GLU A 435 -10.08 -9.87 -3.89
C GLU A 435 -9.44 -9.86 -2.51
N GLY A 436 -8.17 -10.26 -2.46
CA GLY A 436 -7.46 -10.64 -1.24
C GLY A 436 -7.57 -9.77 0.00
N SER A 437 -8.01 -8.52 -0.15
CA SER A 437 -8.30 -7.66 0.98
C SER A 437 -9.55 -8.13 1.74
N GLY A 438 -10.69 -8.16 1.05
CA GLY A 438 -11.92 -8.58 1.71
C GLY A 438 -11.78 -10.00 2.20
N ARG A 439 -11.35 -10.88 1.31
CA ARG A 439 -11.10 -12.21 1.77
C ARG A 439 -10.09 -12.26 2.90
N GLY A 440 -9.15 -11.32 2.91
CA GLY A 440 -8.08 -11.42 3.87
C GLY A 440 -8.53 -11.13 5.26
N ALA A 441 -9.29 -10.04 5.39
CA ALA A 441 -9.86 -9.63 6.65
C ALA A 441 -10.84 -10.71 7.15
N ALA A 442 -11.67 -11.22 6.24
CA ALA A 442 -12.58 -12.29 6.61
C ALA A 442 -11.84 -13.54 7.11
N LEU A 443 -10.81 -14.00 6.37
CA LEU A 443 -10.14 -15.24 6.74
C LEU A 443 -9.40 -15.10 8.06
N VAL A 444 -8.99 -13.87 8.36
CA VAL A 444 -8.30 -13.62 9.61
C VAL A 444 -9.35 -13.64 10.73
N SER A 445 -10.52 -13.08 10.42
CA SER A 445 -11.66 -13.17 11.32
C SER A 445 -12.09 -14.61 11.63
N ALA A 446 -12.43 -15.40 10.62
CA ALA A 446 -12.72 -16.83 10.85
C ALA A 446 -11.81 -17.55 11.84
N VAL A 447 -10.61 -17.06 12.05
CA VAL A 447 -9.71 -17.68 13.01
C VAL A 447 -9.82 -17.01 14.38
N ALA A 448 -9.79 -15.68 14.39
CA ALA A 448 -9.89 -14.97 15.66
C ALA A 448 -11.29 -15.04 16.25
N CYS A 449 -12.21 -15.67 15.51
CA CYS A 449 -13.60 -15.85 15.93
C CYS A 449 -13.75 -17.10 16.79
N LYS A 450 -12.99 -18.14 16.47
CA LYS A 450 -12.84 -19.28 17.35
C LYS A 450 -12.14 -18.84 18.65
N LYS A 451 -12.23 -17.53 18.94
CA LYS A 451 -11.73 -16.90 20.17
C LYS A 451 -12.72 -15.90 20.78
N ALA A 452 -13.44 -15.14 19.95
CA ALA A 452 -14.49 -14.22 20.42
C ALA A 452 -15.83 -14.32 19.65
C1 GLC B . 0.09 3.56 3.03
C2 GLC B . -0.17 3.17 4.49
C3 GLC B . -0.21 1.71 4.77
C4 GLC B . -0.61 0.75 3.69
C5 GLC B . -0.32 1.17 2.24
C6 GLC B . -1.18 0.56 1.17
O1 GLC B . 1.48 3.65 2.99
O2 GLC B . 0.60 3.85 5.46
O3 GLC B . -0.63 1.37 6.06
O4 GLC B . -0.46 -0.60 4.06
O5 GLC B . -0.17 2.59 1.98
O6 GLC B . -2.50 1.08 1.16
O13 926 C . -3.05 -15.88 14.87
C3 926 C . -3.69 -15.67 13.82
N2 926 C . -3.27 -16.28 12.62
C1 926 C . -3.83 -16.19 11.39
C6 926 C . -5.00 -15.41 11.26
C5 926 C . -5.51 -14.77 12.43
C4 926 C . -4.90 -14.85 13.71
C10 926 C . -3.11 -16.93 10.30
C11 926 C . -3.68 -17.87 9.42
C12 926 C . -2.83 -18.53 8.45
C7 926 C . -1.42 -18.23 8.37
C8 926 C . -0.87 -17.27 9.28
C9 926 C . -1.73 -16.65 10.20
S14 926 C . 0.82 -16.70 9.41
C15 926 C . 1.86 -17.66 8.32
N19 926 C . 1.96 -17.45 6.94
C18 926 C . 2.84 -18.37 6.44
C20 926 C . 1.20 -16.41 6.22
N16 926 C . 2.70 -18.70 8.67
C17 926 C . 3.30 -19.14 7.50
#